data_5IMX
#
_entry.id   5IMX
#
_cell.length_a   51.698
_cell.length_b   56.759
_cell.length_c   104.556
_cell.angle_alpha   90.000
_cell.angle_beta   90.000
_cell.angle_gamma   90.000
#
_symmetry.space_group_name_H-M   'P 21 21 21'
#
loop_
_entity.id
_entity.type
_entity.pdbx_description
1 polymer 'ALK tyrosine kinase receptor'
2 non-polymer 5-chloro-N~2~-{5-methyl-4-(1-methylpiperidin-4-yl)-2-[(propan-2-yl)oxy]phenyl}-N~4~-{1-methyl-3-[(propan-2-yl)sulfonyl]-1H-pyrazol-4-yl}pyrimidine-2,4-diamine
3 water water
#
_entity_poly.entity_id   1
_entity_poly.type   'polypeptide(L)'
_entity_poly.pdbx_seq_one_letter_code
;MAHHHHHHNPNYCFAGKTSSISDLKEVPRKNITLIRGLGHGAFGEVYEGQVSGMPNDPSPLQVAVKTLPEVCSEQDELDF
LMEALIISKFNHQNIVRCIGVSLQSLPRFILLELMAGGDLKSFLRETRPRPSQPSSLAMLDLLHVARDIACGCQYLEENH
FIHRDIAARNCLLTCPGPGRVAKIGDFGMARDIYRASYYRKGGCAMLPVKWMPPEAFMEGIFTSKTDTWSFGVLLWEIFS
LGYMPYPSKSNQEVLEFVTSGGRMDPPKNCPGPVYRIMTQCWQHQPEDRPNFAIILERIEYCTQDPDVINTALPIEYGPL
VEEEEKV
;
_entity_poly.pdbx_strand_id   A
#
loop_
_chem_comp.id
_chem_comp.type
_chem_comp.name
_chem_comp.formula
CZ4 non-polymer 5-chloro-N~2~-{5-methyl-4-(1-methylpiperidin-4-yl)-2-[(propan-2-yl)oxy]phenyl}-N~4~-{1-methyl-3-[(propan-2-yl)sulfonyl]-1H-pyrazol-4-yl}pyrimidine-2,4-diamine 'C27 H38 Cl N7 O3 S'
#
# COMPACT_ATOMS: atom_id res chain seq x y z
N LYS A 25 6.42 -8.36 23.81
CA LYS A 25 5.10 -7.67 23.73
C LYS A 25 5.15 -6.33 24.47
N GLU A 26 5.05 -6.31 25.81
CA GLU A 26 5.03 -5.04 26.53
C GLU A 26 6.44 -4.51 26.65
N VAL A 27 6.59 -3.24 26.34
CA VAL A 27 7.85 -2.56 26.44
C VAL A 27 7.60 -1.43 27.44
N PRO A 28 8.42 -1.34 28.52
CA PRO A 28 8.10 -0.38 29.60
C PRO A 28 7.92 1.07 29.17
N ARG A 29 8.93 1.62 28.52
CA ARG A 29 8.97 3.05 28.15
C ARG A 29 10.22 3.68 28.73
N LYS A 30 10.73 3.09 29.81
CA LYS A 30 12.10 3.36 30.24
C LYS A 30 13.05 3.25 29.05
N ASN A 31 12.78 2.28 28.17
CA ASN A 31 13.62 2.03 26.98
C ASN A 31 13.26 2.87 25.75
N ILE A 32 12.03 3.39 25.75
CA ILE A 32 11.48 4.06 24.57
C ILE A 32 11.77 5.54 24.57
N THR A 33 12.70 5.95 23.73
CA THR A 33 13.01 7.37 23.58
C THR A 33 12.51 7.79 22.17
N LEU A 34 11.65 8.80 22.11
CA LEU A 34 11.18 9.41 20.85
C LEU A 34 12.27 10.32 20.30
N ILE A 35 12.28 10.53 18.99
CA ILE A 35 13.38 11.23 18.32
C ILE A 35 12.88 12.35 17.40
N ARG A 36 11.85 12.06 16.63
CA ARG A 36 11.36 12.96 15.61
C ARG A 36 9.94 12.56 15.24
N GLY A 37 9.09 13.53 14.96
CA GLY A 37 7.73 13.23 14.55
C GLY A 37 7.85 12.82 13.09
N LEU A 38 6.97 11.92 12.64
CA LEU A 38 7.05 11.41 11.24
C LEU A 38 5.93 11.93 10.39
N GLY A 39 4.87 12.38 11.02
CA GLY A 39 3.66 12.69 10.29
C GLY A 39 2.52 12.13 11.09
N HIS A 40 1.34 12.26 10.55
CA HIS A 40 0.12 12.03 11.30
C HIS A 40 -0.41 10.73 10.72
N GLY A 41 -0.61 9.74 11.57
CA GLY A 41 -1.08 8.42 11.15
C GLY A 41 -2.58 8.30 11.25
N ALA A 42 -3.08 7.06 11.36
CA ALA A 42 -4.51 6.80 11.31
C ALA A 42 -5.18 7.34 12.54
N PHE A 43 -4.61 7.03 13.69
CA PHE A 43 -5.13 7.51 14.96
C PHE A 43 -4.45 8.82 15.34
N GLY A 44 -3.13 8.90 15.16
CA GLY A 44 -2.41 10.11 15.57
C GLY A 44 -1.04 10.24 14.93
N GLU A 45 -0.12 10.95 15.60
CA GLU A 45 1.24 11.15 15.09
C GLU A 45 2.12 9.93 15.31
N VAL A 46 3.08 9.75 14.43
CA VAL A 46 3.97 8.61 14.53
C VAL A 46 5.37 9.18 14.68
N TYR A 47 6.20 8.51 15.49
CA TYR A 47 7.54 9.01 15.77
C TYR A 47 8.56 8.01 15.31
N GLU A 48 9.68 8.50 14.81
CA GLU A 48 10.89 7.70 14.78
C GLU A 48 11.29 7.58 16.25
N GLY A 49 11.71 6.41 16.66
CA GLY A 49 12.03 6.12 18.05
C GLY A 49 13.12 5.06 18.22
N GLN A 50 13.53 4.84 19.48
CA GLN A 50 14.57 3.88 19.87
C GLN A 50 14.10 2.98 21.05
N VAL A 51 14.78 1.85 21.24
CA VAL A 51 14.52 0.90 22.34
C VAL A 51 15.79 0.12 22.73
N SER A 52 16.01 -0.09 24.04
CA SER A 52 17.20 -0.79 24.54
C SER A 52 16.95 -1.29 25.93
N PRO A 60 19.95 -0.91 20.89
CA PRO A 60 19.22 0.34 20.64
C PRO A 60 18.36 0.24 19.37
N LEU A 61 17.16 -0.35 19.44
CA LEU A 61 16.33 -0.58 18.23
C LEU A 61 15.64 0.68 17.72
N GLN A 62 16.00 1.15 16.53
CA GLN A 62 15.26 2.23 15.88
C GLN A 62 13.90 1.69 15.41
N VAL A 63 12.84 2.42 15.70
CA VAL A 63 11.50 1.94 15.48
C VAL A 63 10.57 3.09 15.16
N ALA A 64 9.39 2.75 14.67
CA ALA A 64 8.35 3.72 14.47
C ALA A 64 7.38 3.50 15.60
N VAL A 65 6.99 4.59 16.27
CA VAL A 65 6.10 4.54 17.41
C VAL A 65 4.78 5.12 16.97
N LYS A 66 3.81 4.24 16.85
CA LYS A 66 2.49 4.62 16.42
C LYS A 66 1.62 4.81 17.66
N THR A 67 0.77 5.83 17.64
CA THR A 67 0.08 6.25 18.85
C THR A 67 -1.45 6.13 18.81
N LEU A 68 -2.06 6.37 19.99
CA LEU A 68 -3.51 6.55 20.20
C LEU A 68 -3.74 7.46 21.42
N LEU A 78 -10.84 -3.20 21.77
CA LEU A 78 -11.22 -2.63 20.48
C LEU A 78 -10.05 -1.91 19.76
N ASP A 79 -10.29 -1.53 18.51
CA ASP A 79 -9.34 -0.75 17.67
C ASP A 79 -7.88 -0.70 18.15
N PHE A 80 -7.65 -0.10 19.32
CA PHE A 80 -6.35 -0.22 20.00
C PHE A 80 -5.88 -1.67 19.88
N LEU A 81 -6.72 -2.57 20.40
CA LEU A 81 -6.48 -4.00 20.34
C LEU A 81 -6.58 -4.52 18.89
N MET A 82 -7.66 -4.19 18.17
CA MET A 82 -7.77 -4.59 16.76
C MET A 82 -6.47 -4.31 15.98
N GLU A 83 -6.08 -3.05 15.85
CA GLU A 83 -4.84 -2.72 15.14
C GLU A 83 -3.64 -3.54 15.60
N ALA A 84 -3.42 -3.52 16.90
CA ALA A 84 -2.24 -4.11 17.52
C ALA A 84 -2.09 -5.60 17.16
N LEU A 85 -2.92 -6.44 17.79
CA LEU A 85 -2.81 -7.89 17.63
C LEU A 85 -2.79 -8.31 16.16
N ILE A 86 -3.45 -7.53 15.29
CA ILE A 86 -3.61 -7.89 13.89
C ILE A 86 -2.23 -7.99 13.27
N ILE A 87 -1.57 -6.84 13.13
CA ILE A 87 -0.32 -6.78 12.43
C ILE A 87 0.69 -7.70 13.10
N SER A 88 0.60 -7.85 14.42
CA SER A 88 1.42 -8.80 15.20
C SER A 88 1.15 -10.26 14.97
N LYS A 89 -0.04 -10.61 14.45
CA LYS A 89 -0.34 -12.01 14.11
C LYS A 89 0.40 -12.49 12.87
N PHE A 90 0.93 -11.57 12.07
CA PHE A 90 1.53 -11.93 10.77
C PHE A 90 3.05 -12.11 10.76
N ASN A 91 3.56 -12.96 9.88
CA ASN A 91 5.01 -13.12 9.75
C ASN A 91 5.35 -13.19 8.30
N HIS A 92 5.71 -12.06 7.72
CA HIS A 92 6.01 -12.07 6.34
C HIS A 92 6.91 -10.88 6.06
N GLN A 93 7.82 -11.12 5.12
CA GLN A 93 8.84 -10.18 4.70
C GLN A 93 8.29 -8.90 4.09
N ASN A 94 7.10 -8.97 3.45
CA ASN A 94 6.43 -7.74 2.93
C ASN A 94 5.29 -7.20 3.77
N ILE A 95 5.36 -7.51 5.04
CA ILE A 95 4.53 -6.86 6.05
C ILE A 95 5.41 -6.37 7.15
N VAL A 96 5.21 -5.11 7.47
CA VAL A 96 5.96 -4.48 8.56
C VAL A 96 5.93 -5.29 9.91
N ARG A 97 7.09 -5.44 10.55
CA ARG A 97 7.22 -6.21 11.74
C ARG A 97 6.70 -5.41 12.93
N CYS A 98 6.03 -6.09 13.85
CA CYS A 98 5.68 -5.48 15.16
C CYS A 98 6.70 -5.84 16.27
N ILE A 99 7.35 -4.84 16.85
CA ILE A 99 8.37 -5.03 17.89
C ILE A 99 7.70 -5.22 19.26
N GLY A 100 6.75 -4.35 19.57
CA GLY A 100 5.89 -4.52 20.72
C GLY A 100 4.89 -3.36 20.88
N VAL A 101 4.28 -3.32 22.07
CA VAL A 101 3.36 -2.26 22.46
C VAL A 101 3.76 -1.66 23.82
N SER A 102 3.44 -0.40 24.03
CA SER A 102 3.51 0.20 25.35
C SER A 102 2.11 0.70 25.66
N LEU A 103 1.38 -0.10 26.44
CA LEU A 103 -0.06 0.06 26.73
C LEU A 103 -0.45 0.44 28.18
N GLN A 104 0.38 0.09 29.16
CA GLN A 104 0.13 0.41 30.58
C GLN A 104 0.43 1.89 30.92
N SER A 105 1.22 2.54 30.07
CA SER A 105 1.46 3.98 30.15
C SER A 105 0.70 4.70 29.01
N LEU A 106 0.32 5.96 29.23
CA LEU A 106 -0.48 6.70 28.25
C LEU A 106 0.23 8.00 27.81
N PRO A 107 0.31 8.28 26.50
CA PRO A 107 -0.37 7.63 25.37
C PRO A 107 0.09 6.21 25.04
N ARG A 108 -0.77 5.53 24.28
CA ARG A 108 -0.60 4.11 23.98
C ARG A 108 0.22 3.99 22.71
N PHE A 109 1.16 3.04 22.69
CA PHE A 109 2.04 2.93 21.56
C PHE A 109 2.08 1.53 21.04
N ILE A 110 2.15 1.45 19.71
CA ILE A 110 2.56 0.27 19.05
C ILE A 110 3.89 0.65 18.47
N LEU A 111 4.85 -0.26 18.60
CA LEU A 111 6.18 -0.03 18.08
C LEU A 111 6.37 -0.93 16.86
N LEU A 112 6.63 -0.35 15.70
CA LEU A 112 6.76 -1.13 14.50
C LEU A 112 8.16 -0.95 13.94
N GLU A 113 8.59 -1.91 13.10
CA GLU A 113 9.71 -1.76 12.21
C GLU A 113 9.75 -0.34 11.57
N LEU A 114 10.86 0.35 11.71
CA LEU A 114 11.07 1.67 11.08
C LEU A 114 11.46 1.54 9.64
N MET A 115 10.68 2.13 8.76
CA MET A 115 10.88 1.92 7.33
C MET A 115 11.52 3.21 6.88
N ALA A 116 12.81 3.11 6.60
CA ALA A 116 13.68 4.25 6.39
C ALA A 116 13.41 4.89 5.07
N GLY A 117 12.58 4.28 4.23
CA GLY A 117 12.29 4.91 2.93
C GLY A 117 11.03 5.71 2.92
N GLY A 118 10.35 5.75 4.06
CA GLY A 118 9.08 6.40 4.14
C GLY A 118 8.02 5.69 3.35
N ASP A 119 6.89 6.38 3.16
CA ASP A 119 5.73 5.86 2.45
C ASP A 119 5.91 5.87 0.92
N LEU A 120 5.25 4.92 0.23
CA LEU A 120 5.41 4.73 -1.21
C LEU A 120 4.93 5.96 -2.01
N LYS A 121 3.78 6.53 -1.65
CA LYS A 121 3.22 7.75 -2.40
C LYS A 121 4.19 8.90 -2.46
N SER A 122 4.73 9.32 -1.32
CA SER A 122 5.82 10.33 -1.25
C SER A 122 7.06 9.93 -2.03
N PHE A 123 7.51 8.69 -1.84
CA PHE A 123 8.66 8.24 -2.62
C PHE A 123 8.49 8.43 -4.14
N LEU A 124 7.35 8.05 -4.68
CA LEU A 124 7.14 8.11 -6.13
C LEU A 124 7.09 9.57 -6.60
N ARG A 125 6.42 10.39 -5.82
CA ARG A 125 6.35 11.82 -6.08
C ARG A 125 7.71 12.54 -6.02
N GLU A 126 8.49 12.29 -4.98
CA GLU A 126 9.79 12.97 -4.86
C GLU A 126 10.85 12.34 -5.73
N THR A 127 10.59 11.14 -6.23
CA THR A 127 11.51 10.51 -7.15
C THR A 127 11.02 10.46 -8.61
N ARG A 128 9.94 11.19 -8.94
CA ARG A 128 9.61 11.37 -10.37
C ARG A 128 10.85 11.84 -11.16
N PRO A 129 11.09 11.29 -12.36
CA PRO A 129 12.12 11.93 -13.19
C PRO A 129 11.73 13.38 -13.60
N ARG A 130 12.70 14.30 -13.53
CA ARG A 130 12.51 15.72 -13.84
C ARG A 130 13.41 16.22 -15.00
N PRO A 131 13.41 17.55 -15.28
CA PRO A 131 14.39 18.11 -16.22
C PRO A 131 15.70 18.45 -15.51
N SER A 132 15.60 19.10 -14.36
CA SER A 132 16.69 19.10 -13.37
C SER A 132 17.03 17.63 -13.19
N GLN A 133 17.95 17.26 -12.30
CA GLN A 133 18.32 15.83 -12.17
C GLN A 133 17.09 14.96 -12.51
N PRO A 134 17.14 14.21 -13.63
CA PRO A 134 16.13 13.20 -13.93
C PRO A 134 16.64 11.83 -13.51
N SER A 135 15.75 11.03 -12.94
CA SER A 135 16.10 10.09 -11.87
C SER A 135 16.50 8.66 -12.26
N SER A 136 17.17 7.98 -11.33
CA SER A 136 17.51 6.57 -11.46
C SER A 136 16.29 5.68 -11.64
N LEU A 137 15.14 6.07 -11.06
CA LEU A 137 13.89 5.26 -11.10
C LEU A 137 13.55 4.73 -12.46
N ALA A 138 13.49 3.43 -12.60
CA ALA A 138 13.11 2.84 -13.86
C ALA A 138 11.88 1.92 -13.72
N MET A 139 11.40 1.39 -14.83
CA MET A 139 10.22 0.54 -14.82
C MET A 139 10.38 -0.74 -13.96
N LEU A 140 11.59 -1.29 -13.93
CA LEU A 140 11.79 -2.47 -13.13
C LEU A 140 11.65 -2.18 -11.63
N ASP A 141 12.00 -0.98 -11.20
CA ASP A 141 11.87 -0.62 -9.77
C ASP A 141 10.41 -0.58 -9.35
N LEU A 142 9.62 -0.17 -10.33
CA LEU A 142 8.19 -0.01 -10.13
C LEU A 142 7.62 -1.41 -10.02
N LEU A 143 8.14 -2.34 -10.85
CA LEU A 143 7.59 -3.70 -10.85
C LEU A 143 7.97 -4.46 -9.58
N HIS A 144 9.19 -4.26 -9.12
CA HIS A 144 9.57 -4.78 -7.80
C HIS A 144 8.73 -4.36 -6.59
N VAL A 145 8.43 -3.06 -6.46
CA VAL A 145 7.46 -2.56 -5.48
C VAL A 145 6.08 -3.28 -5.61
N ALA A 146 5.53 -3.29 -6.81
CA ALA A 146 4.32 -4.01 -7.13
C ALA A 146 4.40 -5.45 -6.74
N ARG A 147 5.52 -6.09 -7.08
CA ARG A 147 5.72 -7.48 -6.74
C ARG A 147 5.78 -7.66 -5.23
N ASP A 148 6.51 -6.80 -4.52
CA ASP A 148 6.62 -6.94 -3.07
C ASP A 148 5.23 -6.82 -2.38
N ILE A 149 4.42 -5.84 -2.78
CA ILE A 149 3.09 -5.68 -2.17
C ILE A 149 2.13 -6.86 -2.48
N ALA A 150 2.13 -7.32 -3.74
CA ALA A 150 1.32 -8.47 -4.09
C ALA A 150 1.70 -9.72 -3.23
N CYS A 151 2.98 -9.88 -2.92
CA CYS A 151 3.49 -11.08 -2.19
C CYS A 151 2.97 -10.96 -0.77
N GLY A 152 2.96 -9.74 -0.24
CA GLY A 152 2.30 -9.52 1.04
C GLY A 152 0.78 -9.72 0.97
N CYS A 153 0.13 -9.25 -0.11
CA CYS A 153 -1.31 -9.52 -0.37
C CYS A 153 -1.62 -10.99 -0.47
N GLN A 154 -0.71 -11.73 -1.07
CA GLN A 154 -0.91 -13.15 -1.28
C GLN A 154 -0.80 -13.88 0.04
N TYR A 155 0.11 -13.45 0.92
CA TYR A 155 0.17 -13.98 2.27
C TYR A 155 -1.17 -13.72 2.98
N LEU A 156 -1.68 -12.50 2.89
CA LEU A 156 -2.95 -12.22 3.57
C LEU A 156 -4.08 -13.10 3.03
N GLU A 157 -4.19 -13.16 1.70
CA GLU A 157 -5.26 -13.97 1.10
C GLU A 157 -5.19 -15.40 1.60
N GLU A 158 -3.99 -15.93 1.64
CA GLU A 158 -3.77 -17.30 2.07
C GLU A 158 -4.10 -17.52 3.51
N ASN A 159 -3.94 -16.47 4.34
CA ASN A 159 -4.38 -16.51 5.72
C ASN A 159 -5.79 -16.04 5.93
N HIS A 160 -6.61 -15.93 4.87
CA HIS A 160 -7.99 -15.40 4.91
C HIS A 160 -8.11 -14.10 5.60
N PHE A 161 -7.13 -13.24 5.42
CA PHE A 161 -7.26 -11.91 5.96
C PHE A 161 -7.58 -10.83 4.89
N ILE A 162 -8.61 -10.03 5.12
CA ILE A 162 -9.00 -8.99 4.15
C ILE A 162 -8.48 -7.64 4.65
N HIS A 163 -7.58 -7.06 3.84
CA HIS A 163 -6.95 -5.82 4.17
C HIS A 163 -7.90 -4.63 4.24
N ARG A 164 -8.62 -4.44 3.12
CA ARG A 164 -9.64 -3.42 2.94
C ARG A 164 -9.13 -2.03 2.60
N ASP A 165 -7.81 -1.85 2.55
CA ASP A 165 -7.31 -0.54 2.27
C ASP A 165 -5.97 -0.54 1.62
N ILE A 166 -5.83 -1.41 0.63
CA ILE A 166 -4.62 -1.49 -0.10
C ILE A 166 -4.49 -0.17 -0.87
N ALA A 167 -3.49 0.62 -0.55
CA ALA A 167 -3.27 1.86 -1.28
C ALA A 167 -1.88 2.34 -1.02
N ALA A 168 -1.32 3.15 -1.90
CA ALA A 168 0.08 3.50 -1.80
C ALA A 168 0.45 4.28 -0.50
N ARG A 169 -0.48 5.06 0.02
CA ARG A 169 -0.26 5.70 1.33
C ARG A 169 -0.04 4.65 2.47
N ASN A 170 -0.58 3.42 2.31
CA ASN A 170 -0.34 2.35 3.31
C ASN A 170 0.83 1.40 3.06
N CYS A 171 1.66 1.76 2.09
CA CYS A 171 2.78 0.94 1.74
C CYS A 171 4.05 1.68 2.11
N LEU A 172 5.02 0.94 2.63
CA LEU A 172 6.28 1.57 3.02
C LEU A 172 7.48 0.94 2.39
N LEU A 173 8.56 1.68 2.45
CA LEU A 173 9.77 1.29 1.82
C LEU A 173 10.88 1.18 2.84
N THR A 174 11.66 0.12 2.72
CA THR A 174 12.77 -0.09 3.65
C THR A 174 13.80 1.00 3.56
N CYS A 175 14.00 1.53 2.37
CA CYS A 175 14.98 2.54 2.14
C CYS A 175 14.69 3.12 0.75
N PRO A 176 15.34 4.24 0.40
CA PRO A 176 14.98 4.91 -0.86
C PRO A 176 15.72 4.40 -2.11
N GLY A 177 16.83 3.69 -1.93
CA GLY A 177 17.67 3.33 -3.07
C GLY A 177 17.40 1.96 -3.68
N PRO A 178 18.26 1.55 -4.62
CA PRO A 178 18.12 0.23 -5.23
C PRO A 178 18.21 -0.83 -4.15
N GLY A 179 17.46 -1.93 -4.27
CA GLY A 179 17.36 -2.91 -3.17
C GLY A 179 16.31 -2.58 -2.09
N ARG A 180 15.62 -1.46 -2.24
CA ARG A 180 14.49 -1.15 -1.37
C ARG A 180 13.48 -2.29 -1.40
N VAL A 181 12.82 -2.53 -0.26
CA VAL A 181 11.73 -3.53 -0.16
C VAL A 181 10.46 -2.82 0.28
N ALA A 182 9.39 -3.12 -0.43
CA ALA A 182 8.13 -2.49 -0.11
C ALA A 182 7.37 -3.40 0.84
N LYS A 183 6.70 -2.81 1.81
CA LYS A 183 5.94 -3.58 2.77
C LYS A 183 4.62 -2.93 3.01
N ILE A 184 3.63 -3.74 3.31
CA ILE A 184 2.33 -3.22 3.78
C ILE A 184 2.57 -2.74 5.23
N GLY A 185 2.20 -1.49 5.52
CA GLY A 185 2.46 -0.83 6.80
C GLY A 185 1.31 -0.56 7.73
N ASP A 186 0.09 -0.66 7.22
CA ASP A 186 -1.06 -0.31 8.01
C ASP A 186 -2.18 -1.21 7.53
N PHE A 187 -3.06 -1.58 8.44
CA PHE A 187 -4.17 -2.43 8.07
C PHE A 187 -5.47 -1.65 8.02
N GLY A 188 -6.35 -2.04 7.10
CA GLY A 188 -7.51 -1.22 6.73
C GLY A 188 -8.60 -0.99 7.78
N MET A 189 -9.74 -1.64 7.55
CA MET A 189 -10.93 -1.38 8.32
C MET A 189 -11.43 -2.69 8.89
N ALA A 190 -10.53 -3.62 9.22
CA ALA A 190 -10.87 -4.67 10.20
C ALA A 190 -10.87 -4.00 11.58
N ARG A 191 -10.43 -2.74 11.62
CA ARG A 191 -10.87 -1.79 12.64
C ARG A 191 -12.41 -1.60 12.57
N ASP A 192 -13.00 -1.81 11.38
CA ASP A 192 -14.45 -2.09 11.21
C ASP A 192 -14.74 -3.61 11.35
N ILE A 193 -15.41 -4.19 10.35
CA ILE A 193 -16.07 -5.49 10.54
C ILE A 193 -15.06 -6.63 10.48
N CYS A 204 -19.96 7.44 5.30
CA CYS A 204 -18.61 7.94 5.47
C CYS A 204 -18.04 8.43 4.12
N ALA A 205 -17.94 9.74 3.96
CA ALA A 205 -17.02 10.30 2.99
C ALA A 205 -15.62 9.93 3.45
N MET A 206 -15.54 9.25 4.59
CA MET A 206 -14.32 8.65 5.08
C MET A 206 -13.94 7.29 4.50
N LEU A 207 -14.78 6.70 3.65
CA LEU A 207 -14.41 5.40 3.02
C LEU A 207 -13.48 5.70 1.79
N PRO A 208 -12.52 4.83 1.48
CA PRO A 208 -11.60 5.22 0.40
C PRO A 208 -12.18 4.78 -0.97
N VAL A 209 -13.25 5.43 -1.34
CA VAL A 209 -14.09 5.02 -2.48
C VAL A 209 -13.26 4.79 -3.73
N LYS A 210 -12.22 5.60 -3.92
CA LYS A 210 -11.44 5.50 -5.15
C LYS A 210 -10.63 4.22 -5.22
N TRP A 211 -10.48 3.55 -4.11
CA TRP A 211 -9.83 2.25 -4.15
C TRP A 211 -10.79 1.08 -4.09
N MET A 212 -12.11 1.33 -4.12
CA MET A 212 -13.06 0.26 -3.80
C MET A 212 -13.84 -0.19 -5.02
N PRO A 213 -14.11 -1.50 -5.09
CA PRO A 213 -14.96 -2.02 -6.14
C PRO A 213 -16.40 -1.80 -5.78
N PRO A 214 -17.27 -1.95 -6.74
CA PRO A 214 -18.69 -1.68 -6.57
C PRO A 214 -19.34 -2.40 -5.43
N GLU A 215 -19.17 -3.72 -5.37
CA GLU A 215 -19.80 -4.44 -4.30
C GLU A 215 -19.38 -3.89 -2.93
N ALA A 216 -18.16 -3.34 -2.83
CA ALA A 216 -17.69 -2.80 -1.53
C ALA A 216 -18.35 -1.48 -1.26
N PHE A 217 -18.32 -0.56 -2.22
CA PHE A 217 -18.99 0.72 -1.97
C PHE A 217 -20.52 0.67 -1.98
N MET A 218 -21.15 -0.20 -2.73
CA MET A 218 -22.61 -0.19 -2.73
C MET A 218 -23.18 -1.14 -1.69
N GLU A 219 -22.44 -2.18 -1.33
CA GLU A 219 -23.01 -3.24 -0.49
C GLU A 219 -22.31 -3.48 0.80
N GLY A 220 -21.09 -2.94 0.98
CA GLY A 220 -20.32 -3.26 2.16
C GLY A 220 -19.79 -4.68 2.12
N ILE A 221 -19.61 -5.21 0.93
CA ILE A 221 -19.08 -6.56 0.80
C ILE A 221 -17.56 -6.40 0.62
N PHE A 222 -16.76 -7.02 1.51
CA PHE A 222 -15.29 -7.02 1.40
C PHE A 222 -14.84 -8.47 1.41
N THR A 223 -14.00 -8.87 0.45
CA THR A 223 -13.49 -10.23 0.27
C THR A 223 -12.09 -10.09 -0.28
N SER A 224 -11.37 -11.17 -0.47
CA SER A 224 -10.07 -11.05 -1.14
C SER A 224 -10.14 -10.39 -2.54
N LYS A 225 -11.28 -10.57 -3.22
CA LYS A 225 -11.48 -10.00 -4.52
C LYS A 225 -11.71 -8.51 -4.45
N THR A 226 -12.13 -8.02 -3.31
CA THR A 226 -12.23 -6.58 -3.17
C THR A 226 -10.82 -6.06 -2.92
N ASP A 227 -10.00 -6.81 -2.18
CA ASP A 227 -8.54 -6.50 -2.16
C ASP A 227 -7.81 -6.46 -3.54
N THR A 228 -8.13 -7.42 -4.41
CA THR A 228 -7.63 -7.46 -5.79
C THR A 228 -7.96 -6.17 -6.52
N TRP A 229 -9.20 -5.68 -6.39
CA TRP A 229 -9.57 -4.41 -6.99
C TRP A 229 -8.66 -3.26 -6.54
N SER A 230 -8.53 -3.12 -5.24
CA SER A 230 -7.66 -2.09 -4.64
C SER A 230 -6.21 -2.16 -5.09
N PHE A 231 -5.74 -3.40 -5.28
CA PHE A 231 -4.41 -3.63 -5.79
C PHE A 231 -4.23 -3.07 -7.22
N GLY A 232 -5.27 -3.22 -8.04
CA GLY A 232 -5.26 -2.67 -9.38
C GLY A 232 -5.06 -1.16 -9.33
N VAL A 233 -5.74 -0.52 -8.40
CA VAL A 233 -5.65 0.92 -8.20
C VAL A 233 -4.28 1.39 -7.68
N LEU A 234 -3.71 0.65 -6.74
CA LEU A 234 -2.35 0.83 -6.33
C LEU A 234 -1.41 0.75 -7.49
N LEU A 235 -1.61 -0.24 -8.35
CA LEU A 235 -0.75 -0.41 -9.51
C LEU A 235 -0.81 0.86 -10.36
N TRP A 236 -2.00 1.36 -10.57
CA TRP A 236 -2.17 2.66 -11.23
C TRP A 236 -1.41 3.74 -10.48
N GLU A 237 -1.58 3.80 -9.15
CA GLU A 237 -0.79 4.73 -8.39
C GLU A 237 0.73 4.55 -8.61
N ILE A 238 1.21 3.33 -8.58
CA ILE A 238 2.63 3.09 -8.79
C ILE A 238 3.08 3.63 -10.14
N PHE A 239 2.38 3.21 -11.20
CA PHE A 239 2.83 3.47 -12.56
C PHE A 239 2.51 4.86 -13.06
N SER A 240 1.71 5.59 -12.31
CA SER A 240 1.54 7.04 -12.61
C SER A 240 2.55 7.87 -11.85
N LEU A 241 3.40 7.20 -11.06
CA LEU A 241 4.37 7.82 -10.17
C LEU A 241 3.72 8.71 -9.11
N GLY A 242 2.65 8.20 -8.52
CA GLY A 242 2.08 8.80 -7.31
C GLY A 242 0.93 9.77 -7.52
N TYR A 243 0.30 9.71 -8.67
CA TYR A 243 -0.88 10.57 -8.87
C TYR A 243 -2.06 10.01 -8.04
N MET A 244 -2.96 10.91 -7.64
CA MET A 244 -4.28 10.55 -7.13
C MET A 244 -5.15 9.79 -8.17
N PRO A 245 -5.70 8.63 -7.79
CA PRO A 245 -6.62 7.98 -8.77
C PRO A 245 -7.74 8.90 -9.22
N TYR A 246 -8.23 8.65 -10.45
CA TYR A 246 -9.36 9.36 -11.08
C TYR A 246 -9.10 10.89 -10.92
N PRO A 247 -7.97 11.38 -11.47
CA PRO A 247 -7.36 12.60 -10.93
C PRO A 247 -8.30 13.82 -10.88
N SER A 248 -9.18 13.92 -11.88
CA SER A 248 -10.04 15.08 -12.03
C SER A 248 -11.45 14.87 -11.50
N LYS A 249 -11.68 13.77 -10.75
CA LYS A 249 -13.03 13.44 -10.31
C LYS A 249 -13.17 13.42 -8.80
N SER A 250 -14.39 13.61 -8.36
CA SER A 250 -14.70 13.56 -6.97
C SER A 250 -15.08 12.15 -6.70
N ASN A 251 -15.23 11.85 -5.43
CA ASN A 251 -15.70 10.57 -5.00
C ASN A 251 -17.06 10.21 -5.55
N GLN A 252 -18.01 11.16 -5.45
CA GLN A 252 -19.32 10.90 -6.01
C GLN A 252 -19.28 10.63 -7.51
N GLU A 253 -18.47 11.37 -8.26
CA GLU A 253 -18.38 11.14 -9.69
C GLU A 253 -17.83 9.74 -9.96
N VAL A 254 -16.82 9.37 -9.20
CA VAL A 254 -16.17 8.05 -9.34
C VAL A 254 -17.15 6.89 -9.17
N LEU A 255 -17.88 6.92 -8.07
CA LEU A 255 -18.95 5.98 -7.82
C LEU A 255 -19.84 5.81 -9.06
N GLU A 256 -20.32 6.93 -9.57
CA GLU A 256 -21.15 6.94 -10.76
C GLU A 256 -20.35 6.36 -11.92
N PHE A 257 -19.12 6.88 -12.15
CA PHE A 257 -18.20 6.41 -13.26
C PHE A 257 -18.07 4.88 -13.21
N VAL A 258 -17.54 4.38 -12.10
CA VAL A 258 -17.19 2.98 -12.00
C VAL A 258 -18.38 2.03 -12.04
N THR A 259 -19.51 2.41 -11.45
CA THR A 259 -20.64 1.49 -11.40
C THR A 259 -21.21 1.35 -12.75
N SER A 260 -21.02 2.33 -13.63
CA SER A 260 -21.47 2.14 -15.03
C SER A 260 -20.40 1.69 -15.97
N GLY A 261 -19.29 1.15 -15.44
CA GLY A 261 -18.32 0.50 -16.30
C GLY A 261 -17.09 1.30 -16.64
N GLY A 262 -17.02 2.55 -16.19
CA GLY A 262 -15.89 3.42 -16.49
C GLY A 262 -14.68 2.96 -15.64
N ARG A 263 -13.49 3.00 -16.22
CA ARG A 263 -12.24 2.62 -15.54
C ARG A 263 -11.19 3.60 -16.00
N MET A 264 -10.11 3.68 -15.26
CA MET A 264 -9.06 4.65 -15.56
C MET A 264 -8.32 4.30 -16.84
N ASP A 265 -7.88 5.35 -17.53
CA ASP A 265 -6.91 5.21 -18.61
C ASP A 265 -5.54 4.79 -18.06
N PRO A 266 -4.67 4.28 -18.94
CA PRO A 266 -3.35 3.89 -18.50
C PRO A 266 -2.62 5.11 -17.99
N PRO A 267 -1.75 4.94 -16.99
CA PRO A 267 -0.90 6.06 -16.61
C PRO A 267 0.00 6.32 -17.79
N LYS A 268 0.58 7.49 -17.82
CA LYS A 268 1.38 7.87 -18.96
C LYS A 268 2.57 6.93 -19.18
N ASN A 269 2.73 6.43 -20.42
CA ASN A 269 3.79 5.52 -20.83
C ASN A 269 3.68 4.13 -20.20
N CYS A 270 2.56 3.83 -19.53
CA CYS A 270 2.38 2.57 -18.87
C CYS A 270 2.41 1.45 -19.87
N PRO A 271 3.24 0.43 -19.65
CA PRO A 271 3.26 -0.63 -20.63
C PRO A 271 1.95 -1.40 -20.65
N GLY A 272 1.62 -1.89 -21.84
CA GLY A 272 0.38 -2.62 -22.06
C GLY A 272 0.18 -3.78 -21.11
N PRO A 273 1.22 -4.59 -20.92
CA PRO A 273 1.15 -5.72 -20.00
C PRO A 273 0.87 -5.33 -18.54
N VAL A 274 1.29 -4.16 -18.10
CA VAL A 274 0.99 -3.70 -16.76
C VAL A 274 -0.44 -3.20 -16.68
N TYR A 275 -0.88 -2.41 -17.67
CA TYR A 275 -2.23 -1.93 -17.73
C TYR A 275 -3.22 -3.08 -17.74
N ARG A 276 -2.89 -4.13 -18.50
CA ARG A 276 -3.71 -5.29 -18.53
C ARG A 276 -3.92 -5.92 -17.17
N ILE A 277 -2.91 -5.84 -16.29
CA ILE A 277 -3.11 -6.40 -14.96
C ILE A 277 -4.20 -5.58 -14.25
N MET A 278 -4.11 -4.25 -14.35
CA MET A 278 -5.08 -3.34 -13.71
C MET A 278 -6.49 -3.64 -14.18
N THR A 279 -6.68 -3.68 -15.49
CA THR A 279 -7.99 -3.91 -16.07
C THR A 279 -8.56 -5.23 -15.65
N GLN A 280 -7.72 -6.23 -15.44
CA GLN A 280 -8.21 -7.51 -14.96
C GLN A 280 -8.60 -7.35 -13.44
N CYS A 281 -7.79 -6.68 -12.67
CA CYS A 281 -8.18 -6.38 -11.27
C CYS A 281 -9.53 -5.63 -11.16
N TRP A 282 -9.88 -4.82 -12.15
CA TRP A 282 -11.12 -4.07 -12.15
C TRP A 282 -12.33 -4.67 -12.91
N GLN A 283 -12.34 -5.96 -13.07
CA GLN A 283 -13.51 -6.62 -13.65
C GLN A 283 -14.67 -6.37 -12.73
N HIS A 284 -15.85 -6.19 -13.32
CA HIS A 284 -17.01 -5.83 -12.57
C HIS A 284 -17.36 -6.91 -11.57
N GLN A 285 -17.34 -8.19 -12.00
CA GLN A 285 -17.68 -9.30 -11.09
C GLN A 285 -16.46 -9.80 -10.40
N PRO A 286 -16.50 -9.94 -9.05
CA PRO A 286 -15.30 -10.39 -8.33
C PRO A 286 -14.80 -11.77 -8.79
N GLU A 287 -15.72 -12.63 -9.16
CA GLU A 287 -15.33 -13.93 -9.65
C GLU A 287 -14.46 -13.88 -10.89
N ASP A 288 -14.51 -12.78 -11.66
CA ASP A 288 -13.67 -12.62 -12.85
C ASP A 288 -12.33 -11.92 -12.54
N ARG A 289 -12.14 -11.48 -11.30
CA ARG A 289 -10.87 -10.86 -10.95
C ARG A 289 -9.86 -11.98 -10.66
N PRO A 290 -8.56 -11.73 -10.94
CA PRO A 290 -7.55 -12.71 -10.58
C PRO A 290 -7.27 -12.71 -9.05
N ASN A 291 -6.92 -13.83 -8.48
CA ASN A 291 -6.42 -13.83 -7.09
C ASN A 291 -4.93 -13.44 -7.12
N PHE A 292 -4.26 -13.35 -5.97
CA PHE A 292 -2.91 -12.69 -5.94
C PHE A 292 -1.79 -13.56 -6.45
N ALA A 293 -2.01 -14.88 -6.47
CA ALA A 293 -0.98 -15.73 -7.11
C ALA A 293 -0.98 -15.50 -8.61
N ILE A 294 -2.16 -15.26 -9.21
CA ILE A 294 -2.17 -14.94 -10.62
C ILE A 294 -1.51 -13.57 -10.81
N ILE A 295 -1.91 -12.59 -10.03
CA ILE A 295 -1.36 -11.27 -10.16
C ILE A 295 0.17 -11.29 -10.12
N LEU A 296 0.72 -11.98 -9.15
CA LEU A 296 2.18 -12.09 -9.01
C LEU A 296 2.84 -12.80 -10.16
N GLU A 297 2.17 -13.82 -10.71
CA GLU A 297 2.65 -14.50 -11.91
C GLU A 297 2.71 -13.54 -13.08
N ARG A 298 1.70 -12.70 -13.18
CA ARG A 298 1.70 -11.74 -14.26
C ARG A 298 2.71 -10.65 -14.07
N ILE A 299 2.82 -10.16 -12.84
CA ILE A 299 3.86 -9.19 -12.57
C ILE A 299 5.21 -9.71 -12.95
N GLU A 300 5.44 -11.00 -12.64
CA GLU A 300 6.72 -11.59 -12.87
C GLU A 300 7.03 -11.73 -14.35
N TYR A 301 6.04 -12.00 -15.20
CA TYR A 301 6.29 -11.98 -16.63
C TYR A 301 6.67 -10.62 -17.10
N CYS A 302 6.00 -9.59 -16.61
CA CYS A 302 6.43 -8.23 -16.89
C CYS A 302 7.92 -7.93 -16.64
N THR A 303 8.46 -8.46 -15.57
CA THR A 303 9.82 -8.23 -15.20
C THR A 303 10.78 -8.94 -16.19
N GLN A 304 10.28 -9.95 -16.89
CA GLN A 304 11.09 -10.69 -17.87
C GLN A 304 10.98 -10.23 -19.33
N ASP A 305 10.14 -9.24 -19.59
CA ASP A 305 9.97 -8.70 -20.92
C ASP A 305 10.70 -7.36 -21.07
N PRO A 306 11.78 -7.32 -21.90
CA PRO A 306 12.56 -6.11 -22.17
C PRO A 306 11.74 -4.95 -22.70
N ASP A 307 10.78 -5.19 -23.58
CA ASP A 307 9.91 -4.10 -24.03
C ASP A 307 9.09 -3.45 -22.91
N VAL A 308 8.74 -4.20 -21.88
CA VAL A 308 8.21 -3.59 -20.66
C VAL A 308 9.28 -2.81 -19.90
N ILE A 309 10.34 -3.51 -19.43
CA ILE A 309 11.32 -2.88 -18.56
C ILE A 309 12.21 -1.81 -19.24
N ASN A 310 12.42 -1.87 -20.55
CA ASN A 310 13.11 -0.76 -21.21
C ASN A 310 12.25 0.50 -21.41
N THR A 311 10.98 0.46 -21.06
CA THR A 311 10.15 1.60 -21.35
C THR A 311 10.55 2.76 -20.43
N ALA A 312 10.79 3.95 -20.97
CA ALA A 312 11.11 5.12 -20.13
C ALA A 312 9.94 5.79 -19.35
N LEU A 313 10.19 6.16 -18.10
CA LEU A 313 9.23 6.96 -17.35
C LEU A 313 8.98 8.33 -17.99
N PRO A 314 7.73 8.85 -17.89
CA PRO A 314 7.53 10.24 -18.33
C PRO A 314 8.28 11.18 -17.41
N ILE A 315 8.75 12.29 -17.98
CA ILE A 315 9.43 13.33 -17.24
C ILE A 315 8.42 14.40 -16.83
N GLU A 316 8.62 15.03 -15.67
CA GLU A 316 7.66 16.05 -15.23
C GLU A 316 7.99 17.44 -15.78
C1 CZ4 B . 8.10 6.70 7.78
C2 CZ4 B . 6.84 6.99 7.26
C3 CZ4 B . 6.59 8.22 6.58
C4 CZ4 B . 7.70 9.19 6.47
C5 CZ4 B . 8.93 8.86 7.00
C6 CZ4 B . 9.19 7.68 7.63
C7 CZ4 B . 5.21 8.47 6.05
C9 CZ4 B . 11.74 7.61 7.56
C10 CZ4 B . 12.73 7.73 8.71
C11 CZ4 B . 11.97 8.77 6.59
C13 CZ4 B . 7.52 4.75 9.05
C15 CZ4 B . 7.19 2.61 9.95
C16 CZ4 B . 5.85 2.87 10.06
O38 CZ4 B . -0.21 5.24 10.21
S25 CZ4 B . 0.97 4.85 9.50
O37 CZ4 B . 1.51 3.71 10.20
C26 CZ4 B . 0.44 4.46 7.94
C28 CZ4 B . 1.58 3.83 7.12
C27 CZ4 B . -0.14 5.69 7.21
C24 CZ4 B . 2.15 6.02 9.47
N23 CZ4 B . 1.93 7.33 9.22
N22 CZ4 B . 3.23 7.89 9.27
C36 CZ4 B . 3.24 9.36 9.02
C21 CZ4 B . 4.21 7.02 9.50
C20 CZ4 B . 3.60 5.77 9.64
N19 CZ4 B . 4.04 4.49 9.80
C17 CZ4 B . 5.34 4.16 9.62
CL1 CZ4 B . 4.75 1.65 10.70
N18 CZ4 B . 6.22 5.03 9.14
N14 CZ4 B . 8.00 3.55 9.45
N12 CZ4 B . 8.40 5.59 8.49
O8 CZ4 B . 10.43 7.44 8.17
C29 CZ4 B . 7.72 10.54 5.82
C34 CZ4 B . 6.83 10.74 4.60
C33 CZ4 B . 7.20 12.06 3.93
N32 CZ4 B . 8.25 12.81 4.66
C32 CZ4 B . 8.48 14.10 3.97
C31 CZ4 B . 7.95 13.00 6.10
C30 CZ4 B . 7.45 11.71 6.77
#